data_9DFY
#
_entry.id   9DFY
#
_cell.length_a   166.308
_cell.length_b   166.308
_cell.length_c   82.139
_cell.angle_alpha   90.000
_cell.angle_beta   90.000
_cell.angle_gamma   120.000
#
_symmetry.space_group_name_H-M   'H 3'
#
loop_
_entity.id
_entity.type
_entity.pdbx_description
1 polymer "DNA (5'-D(*CP*AP*GP*CP*AP*GP*CP*CP*TP*GP*AP*AP*TP*A)-3')"
2 polymer "DNA (5'-D(P*GP*GP*CP*TP*GP*C)-3')"
3 polymer 'DNA (50-MER)'
4 polymer "DNA (5'-D(*TP*GP*CP*GP*CP*TP*GP*T)-3')"
#
loop_
_entity_poly.entity_id
_entity_poly.type
_entity_poly.pdbx_seq_one_letter_code
_entity_poly.pdbx_strand_id
1 'polydeoxyribonucleotide' (DC)(DA)(DG)(DC)(DA)(DG)(DC)(DC)(DT)(DG)(DA)(DA)(DT)(DA) A
2 'polydeoxyribonucleotide' (DG)(DG)(DC)(DT)(DG)(DC) B
3 'polydeoxyribonucleotide'
;(DG)(DC)(DG)(DA)(DG)(DT)(DA)(DT)(DT)(DC)(DA)(DC)(DC)(DG)(DG)(DC)(DT)(DC)(DC)(DG)
(DC)(DG)(DG)(DT)(DT)(DT)(DT)(DC)(DC)(DG)(DC)(DG)(DG)(DC)(DT)(DC)(DG)(DC)(DA)(DG)
(DC)(DC)(DG)(DG)(DA)(DC)(DA)(DG)(DC)(DG)
;
C
4 'polydeoxyribonucleotide' (DT)(DG)(DC)(DG)(DC)(DT)(DG)(DT) E
#